data_5FV6
#
_entry.id   5FV6
#
_cell.length_a   37.440
_cell.length_b   58.680
_cell.length_c   85.270
_cell.angle_alpha   90.00
_cell.angle_beta   96.56
_cell.angle_gamma   90.00
#
_symmetry.space_group_name_H-M   'P 1 21 1'
#
loop_
_entity.id
_entity.type
_entity.pdbx_description
1 polymer 'Flocculation protein FLO11'
2 non-polymer 'ACETATE ION'
3 non-polymer GLYCEROL
4 non-polymer 'SODIUM ION'
5 water water
#
_entity_poly.entity_id   1
_entity_poly.type   'polypeptide(L)'
_entity_poly.pdbx_seq_one_letter_code
;MGSSHHHHHHSSGLVPRGSHMSSGKTCPTSEVSPACYANQWETTFPPSDIKITGATWVQDNIYDVTLSYEAESLELENLT
ELKIIGLNSPTGGTKLVWSLNSKVYDIDNPAKWTTTLRVYTKSSADDCYVEMYPFQIQVDWCEAGASTDGCSAWKWPKSY
DYDIGCDNMQDGVSRKHHPVYKWPKKCSSNCGVEPTT
;
_entity_poly.pdbx_strand_id   B,A
#
# COMPACT_ATOMS: atom_id res chain seq x y z
N SER A 12 7.31 -7.27 -24.63
CA SER A 12 7.06 -5.89 -24.11
C SER A 12 6.46 -5.98 -22.71
N GLY A 13 5.29 -6.62 -22.59
CA GLY A 13 4.52 -6.63 -21.33
C GLY A 13 5.20 -7.24 -20.12
N LEU A 14 6.17 -8.10 -20.38
CA LEU A 14 6.97 -8.77 -19.35
C LEU A 14 8.17 -7.93 -18.83
N VAL A 15 8.49 -6.82 -19.51
CA VAL A 15 9.66 -5.99 -19.16
C VAL A 15 9.21 -4.90 -18.14
N PRO A 16 9.90 -4.80 -16.99
CA PRO A 16 9.53 -3.68 -16.12
C PRO A 16 9.81 -2.30 -16.72
N ARG A 17 9.09 -1.31 -16.20
CA ARG A 17 9.23 0.07 -16.64
C ARG A 17 10.46 0.73 -16.02
N GLY A 18 11.06 0.12 -15.00
CA GLY A 18 12.37 0.57 -14.47
C GLY A 18 12.81 -0.35 -13.37
N SER A 19 13.61 0.15 -12.44
CA SER A 19 13.98 -0.62 -11.25
C SER A 19 12.79 -0.91 -10.32
N GLY A 24 7.33 -8.30 -4.19
CA GLY A 24 8.54 -9.20 -4.19
C GLY A 24 8.12 -10.65 -4.43
N LYS A 25 9.10 -11.55 -4.36
CA LYS A 25 8.84 -13.00 -4.31
C LYS A 25 8.12 -13.40 -3.03
N THR A 26 6.91 -13.96 -3.15
CA THR A 26 6.20 -14.55 -1.99
C THR A 26 6.75 -15.95 -1.72
N CYS A 27 6.86 -16.28 -0.45
CA CYS A 27 7.40 -17.57 -0.02
C CYS A 27 6.31 -18.66 -0.16
N PRO A 28 6.70 -19.90 -0.54
CA PRO A 28 5.72 -20.98 -0.42
C PRO A 28 5.23 -21.11 1.00
N THR A 29 3.92 -21.07 1.19
CA THR A 29 3.30 -20.99 2.53
C THR A 29 3.64 -22.17 3.43
N SER A 30 3.70 -23.37 2.84
CA SER A 30 4.14 -24.59 3.52
C SER A 30 5.56 -24.53 4.07
N GLU A 31 6.38 -23.63 3.53
CA GLU A 31 7.77 -23.41 3.98
C GLU A 31 7.96 -22.33 5.06
N VAL A 32 6.87 -21.68 5.48
CA VAL A 32 6.87 -20.78 6.64
C VAL A 32 6.45 -21.59 7.88
N SER A 33 7.40 -21.80 8.79
CA SER A 33 7.12 -22.60 9.98
C SER A 33 7.96 -22.16 11.20
N PRO A 34 7.73 -22.75 12.38
CA PRO A 34 8.51 -22.30 13.55
C PRO A 34 10.03 -22.58 13.38
N ALA A 35 10.87 -21.64 13.82
CA ALA A 35 12.31 -21.77 13.74
C ALA A 35 12.88 -22.67 14.86
N CYS A 36 12.09 -22.99 15.89
CA CYS A 36 12.54 -23.99 16.92
C CYS A 36 11.37 -24.73 17.57
N TYR A 37 11.67 -25.82 18.27
CA TYR A 37 10.69 -26.53 19.09
C TYR A 37 11.15 -26.77 20.53
N ALA A 38 10.17 -26.97 21.41
CA ALA A 38 10.47 -27.15 22.84
C ALA A 38 9.47 -28.09 23.45
N ASN A 39 9.89 -28.76 24.52
CA ASN A 39 8.97 -29.57 25.31
C ASN A 39 7.95 -28.75 26.08
N GLN A 40 8.38 -27.58 26.52
CA GLN A 40 7.50 -26.67 27.27
C GLN A 40 7.85 -25.25 26.92
N TRP A 41 6.83 -24.42 26.97
CA TRP A 41 6.94 -23.02 26.71
C TRP A 41 6.32 -22.36 27.90
N GLU A 42 6.66 -21.09 28.11
CA GLU A 42 6.04 -20.28 29.13
C GLU A 42 4.51 -20.25 28.92
N THR A 43 3.76 -20.38 30.02
CA THR A 43 2.28 -20.50 29.97
C THR A 43 1.56 -19.41 30.71
N THR A 44 2.31 -18.41 31.20
CA THR A 44 1.74 -17.23 31.85
C THR A 44 0.84 -16.44 30.90
N PHE A 45 -0.12 -15.72 31.49
CA PHE A 45 -1.08 -14.80 30.83
C PHE A 45 -2.18 -15.53 30.03
N PRO A 46 -3.17 -14.80 29.49
CA PRO A 46 -4.17 -15.57 28.76
C PRO A 46 -3.58 -16.43 27.64
N PRO A 47 -4.16 -17.61 27.40
CA PRO A 47 -3.61 -18.44 26.30
C PRO A 47 -3.60 -17.69 24.96
N SER A 48 -2.58 -17.93 24.14
CA SER A 48 -2.41 -17.26 22.84
C SER A 48 -1.90 -18.18 21.73
N ASP A 49 -2.14 -17.77 20.49
CA ASP A 49 -1.66 -18.49 19.31
C ASP A 49 -1.10 -17.41 18.39
N ILE A 50 0.24 -17.36 18.28
CA ILE A 50 0.93 -16.25 17.64
C ILE A 50 1.96 -16.83 16.66
N LYS A 51 1.86 -16.45 15.39
CA LYS A 51 2.63 -17.09 14.32
C LYS A 51 2.73 -16.21 13.11
N ILE A 52 3.64 -16.55 12.19
CA ILE A 52 3.80 -15.90 10.93
C ILE A 52 3.11 -16.78 9.93
N THR A 53 2.34 -16.20 9.01
CA THR A 53 1.55 -16.99 8.03
C THR A 53 1.96 -16.75 6.59
N GLY A 54 2.80 -15.75 6.34
CA GLY A 54 3.31 -15.52 5.01
C GLY A 54 4.51 -14.59 5.03
N ALA A 55 5.33 -14.69 4.00
CA ALA A 55 6.53 -13.90 3.89
C ALA A 55 6.74 -13.52 2.46
N THR A 56 7.31 -12.33 2.25
CA THR A 56 7.65 -11.80 0.92
C THR A 56 9.05 -11.20 1.01
N TRP A 57 9.94 -11.57 0.09
CA TRP A 57 11.29 -10.98 0.06
C TRP A 57 11.26 -9.58 -0.53
N VAL A 58 11.79 -8.61 0.21
CA VAL A 58 11.87 -7.22 -0.29
C VAL A 58 13.24 -7.12 -0.95
N GLN A 59 14.28 -7.15 -0.14
CA GLN A 59 15.65 -7.04 -0.65
C GLN A 59 16.63 -7.35 0.46
N ASP A 60 17.81 -7.81 0.09
CA ASP A 60 18.82 -8.18 1.07
C ASP A 60 18.17 -9.05 2.19
N ASN A 61 18.36 -8.73 3.49
CA ASN A 61 17.72 -9.49 4.58
C ASN A 61 16.39 -8.91 5.10
N ILE A 62 15.68 -8.19 4.24
CA ILE A 62 14.43 -7.53 4.59
C ILE A 62 13.24 -8.25 3.97
N TYR A 63 12.27 -8.60 4.80
CA TYR A 63 11.04 -9.24 4.31
C TYR A 63 9.82 -8.58 4.93
N ASP A 64 8.68 -8.69 4.25
CA ASP A 64 7.40 -8.35 4.80
C ASP A 64 6.72 -9.64 5.15
N VAL A 65 6.19 -9.72 6.37
CA VAL A 65 5.56 -10.92 6.92
C VAL A 65 4.18 -10.60 7.44
N THR A 66 3.33 -11.61 7.46
CA THR A 66 2.05 -11.53 8.08
C THR A 66 2.16 -12.25 9.44
N LEU A 67 1.96 -11.48 10.52
CA LEU A 67 1.84 -12.00 11.86
C LEU A 67 0.35 -12.24 12.11
N SER A 68 0.02 -13.44 12.58
CA SER A 68 -1.30 -13.76 13.03
C SER A 68 -1.38 -13.86 14.56
N TYR A 69 -2.39 -13.22 15.18
CA TYR A 69 -2.56 -13.23 16.63
C TYR A 69 -3.94 -13.71 16.98
N GLU A 70 -4.01 -14.61 17.95
CA GLU A 70 -5.25 -14.97 18.62
C GLU A 70 -4.96 -15.14 20.09
N ALA A 71 -5.83 -14.61 20.93
CA ALA A 71 -5.68 -14.68 22.38
C ALA A 71 -7.01 -14.33 23.08
N GLU A 72 -7.17 -14.93 24.25
CA GLU A 72 -8.27 -14.61 25.15
C GLU A 72 -8.09 -13.18 25.61
N SER A 73 -9.16 -12.40 25.54
CA SER A 73 -9.05 -10.94 25.60
C SER A 73 -10.25 -10.36 26.31
N LEU A 74 -10.18 -9.09 26.68
CA LEU A 74 -11.39 -8.29 26.92
C LEU A 74 -11.89 -7.70 25.58
N GLU A 75 -12.84 -6.76 25.62
CA GLU A 75 -13.45 -6.21 24.40
C GLU A 75 -12.62 -5.04 23.88
N LEU A 76 -12.82 -4.69 22.61
CA LEU A 76 -12.07 -3.61 21.99
C LEU A 76 -12.10 -2.34 22.78
N GLU A 77 -13.23 -2.01 23.39
CA GLU A 77 -13.37 -0.76 24.12
C GLU A 77 -12.54 -0.72 25.41
N ASN A 78 -12.10 -1.90 25.88
CA ASN A 78 -11.28 -2.02 27.09
C ASN A 78 -9.80 -1.80 26.82
N LEU A 79 -9.43 -1.83 25.55
CA LEU A 79 -8.06 -1.88 25.12
C LEU A 79 -7.43 -0.50 25.09
N THR A 80 -6.38 -0.31 25.87
CA THR A 80 -5.64 0.95 25.92
C THR A 80 -4.57 0.99 24.86
N GLU A 81 -3.78 -0.08 24.82
CA GLU A 81 -2.73 -0.23 23.81
C GLU A 81 -2.32 -1.70 23.53
N LEU A 82 -1.98 -1.96 22.27
CA LEU A 82 -1.53 -3.24 21.79
C LEU A 82 -0.50 -3.03 20.72
N LYS A 83 0.71 -3.51 20.97
CA LYS A 83 1.84 -3.19 20.09
C LYS A 83 2.90 -4.22 20.10
N ILE A 84 3.61 -4.32 18.98
CA ILE A 84 4.79 -5.14 18.85
C ILE A 84 5.93 -4.23 19.30
N ILE A 85 6.84 -4.75 20.15
CA ILE A 85 8.02 -4.01 20.61
C ILE A 85 9.25 -4.90 20.52
N GLY A 86 10.41 -4.26 20.55
CA GLY A 86 11.66 -4.97 20.38
C GLY A 86 11.92 -5.54 19.01
N LEU A 87 11.18 -5.05 18.00
CA LEU A 87 11.26 -5.57 16.63
C LEU A 87 12.59 -5.16 15.98
N ASN A 88 13.34 -6.12 15.44
CA ASN A 88 14.53 -5.80 14.66
C ASN A 88 14.05 -5.57 13.19
N SER A 89 13.95 -4.28 12.81
CA SER A 89 13.26 -3.83 11.58
C SER A 89 13.85 -2.53 11.01
N PRO A 90 13.85 -2.36 9.68
CA PRO A 90 14.31 -1.08 9.11
C PRO A 90 13.31 0.07 9.28
N THR A 91 12.04 -0.22 9.56
CA THR A 91 11.01 0.83 9.72
C THR A 91 10.55 1.04 11.16
N GLY A 92 11.31 0.56 12.13
CA GLY A 92 11.11 0.91 13.54
C GLY A 92 11.01 -0.29 14.46
N GLY A 93 11.40 -0.10 15.72
CA GLY A 93 11.34 -1.14 16.72
C GLY A 93 9.95 -1.41 17.25
N THR A 94 9.00 -0.54 16.95
CA THR A 94 7.62 -0.65 17.44
C THR A 94 6.67 -0.65 16.25
N LYS A 95 5.72 -1.56 16.25
CA LYS A 95 4.52 -1.47 15.42
C LYS A 95 3.26 -1.46 16.31
N LEU A 96 2.49 -0.39 16.23
CA LEU A 96 1.23 -0.24 17.00
C LEU A 96 0.10 -0.89 16.24
N VAL A 97 -0.71 -1.68 16.90
CA VAL A 97 -1.92 -2.19 16.27
C VAL A 97 -3.16 -1.45 16.80
N TRP A 98 -3.15 -1.12 18.08
CA TRP A 98 -4.18 -0.28 18.66
C TRP A 98 -3.51 0.63 19.70
N SER A 99 -3.75 1.94 19.59
CA SER A 99 -3.28 2.88 20.61
C SER A 99 -4.17 4.06 20.75
N LEU A 100 -4.82 4.16 21.91
CA LEU A 100 -5.63 5.33 22.25
C LEU A 100 -4.78 6.59 22.27
N ASN A 101 -3.62 6.48 22.90
CA ASN A 101 -2.72 7.63 23.05
C ASN A 101 -2.11 8.13 21.73
N SER A 102 -1.71 7.21 20.84
CA SER A 102 -1.11 7.59 19.56
C SER A 102 -2.07 7.61 18.39
N LYS A 103 -3.35 7.34 18.66
CA LYS A 103 -4.39 7.36 17.66
C LYS A 103 -4.13 6.40 16.47
N VAL A 104 -3.85 5.15 16.78
CA VAL A 104 -3.72 4.15 15.78
C VAL A 104 -4.83 3.12 16.03
N TYR A 105 -5.66 2.89 15.01
CA TYR A 105 -6.80 2.01 15.17
C TYR A 105 -6.86 1.00 14.03
N ASP A 106 -6.05 -0.05 14.11
CA ASP A 106 -5.86 -0.96 12.95
C ASP A 106 -6.52 -2.34 13.03
N ILE A 107 -7.20 -2.65 14.13
CA ILE A 107 -7.90 -3.94 14.29
C ILE A 107 -9.38 -3.76 14.68
N ASP A 108 -10.19 -4.79 14.44
CA ASP A 108 -11.66 -4.81 14.83
C ASP A 108 -11.83 -5.53 16.15
N ASN A 109 -11.02 -6.58 16.37
CA ASN A 109 -11.19 -7.46 17.50
C ASN A 109 -9.83 -7.74 18.08
N PRO A 110 -9.60 -7.39 19.36
CA PRO A 110 -8.30 -7.72 19.99
C PRO A 110 -8.01 -9.21 20.16
N ALA A 111 -9.05 -10.04 20.25
CA ALA A 111 -8.87 -11.48 20.31
C ALA A 111 -8.33 -12.12 19.02
N LYS A 112 -8.48 -11.51 17.86
CA LYS A 112 -8.04 -12.14 16.61
C LYS A 112 -7.81 -11.14 15.47
N TRP A 113 -6.56 -11.08 15.00
CA TRP A 113 -6.17 -10.10 13.98
C TRP A 113 -4.87 -10.53 13.37
N THR A 114 -4.59 -9.95 12.21
CA THR A 114 -3.30 -10.03 11.57
C THR A 114 -2.76 -8.63 11.38
N THR A 115 -1.46 -8.56 11.14
CA THR A 115 -0.79 -7.34 10.83
C THR A 115 0.43 -7.63 9.94
N THR A 116 0.83 -6.64 9.15
CA THR A 116 2.03 -6.74 8.36
C THR A 116 3.16 -6.15 9.16
N LEU A 117 4.33 -6.78 9.07
CA LEU A 117 5.54 -6.33 9.71
C LEU A 117 6.63 -6.40 8.68
N ARG A 118 7.50 -5.38 8.65
CA ARG A 118 8.71 -5.40 7.86
C ARG A 118 9.87 -5.68 8.78
N VAL A 119 10.62 -6.75 8.49
CA VAL A 119 11.56 -7.30 9.46
C VAL A 119 12.90 -7.61 8.86
N TYR A 120 13.95 -7.43 9.65
CA TYR A 120 15.29 -7.99 9.34
C TYR A 120 15.38 -9.47 9.71
N THR A 121 16.19 -10.21 8.94
CA THR A 121 16.41 -11.63 9.18
C THR A 121 17.87 -11.95 9.31
N LYS A 122 18.11 -13.15 9.83
CA LYS A 122 19.41 -13.78 9.87
C LYS A 122 19.29 -15.20 9.33
N SER A 123 20.44 -15.81 8.97
CA SER A 123 20.50 -17.16 8.48
C SER A 123 20.09 -18.11 9.60
N SER A 124 19.21 -19.07 9.31
CA SER A 124 18.77 -20.08 10.30
C SER A 124 19.76 -21.21 10.34
N ALA A 125 19.61 -22.10 11.31
CA ALA A 125 20.50 -23.28 11.44
C ALA A 125 20.63 -24.03 10.13
N ASP A 126 19.51 -24.24 9.47
CA ASP A 126 19.47 -24.74 8.09
C ASP A 126 19.55 -23.50 7.18
N ASP A 127 20.72 -23.26 6.55
CA ASP A 127 20.90 -21.99 5.79
C ASP A 127 20.15 -21.87 4.45
N CYS A 128 19.34 -22.86 4.08
CA CYS A 128 18.28 -22.63 3.07
C CYS A 128 17.21 -21.61 3.58
N TYR A 129 17.08 -21.50 4.91
CA TYR A 129 16.15 -20.64 5.58
C TYR A 129 16.81 -19.45 6.29
N VAL A 130 15.99 -18.43 6.49
CA VAL A 130 16.31 -17.30 7.30
C VAL A 130 15.18 -17.15 8.31
N GLU A 131 15.45 -16.42 9.37
CA GLU A 131 14.45 -16.21 10.44
C GLU A 131 14.52 -14.78 10.97
N MET A 132 13.38 -14.29 11.47
CA MET A 132 13.34 -12.99 12.13
C MET A 132 13.85 -13.09 13.59
N TYR A 133 14.05 -11.93 14.19
CA TYR A 133 14.64 -11.84 15.55
C TYR A 133 13.55 -11.85 16.60
N PRO A 134 13.87 -12.15 17.88
CA PRO A 134 12.87 -12.09 18.96
C PRO A 134 12.19 -10.70 19.14
N PHE A 135 10.96 -10.74 19.63
CA PHE A 135 10.16 -9.53 19.86
C PHE A 135 9.10 -9.82 20.90
N GLN A 136 8.41 -8.78 21.34
CA GLN A 136 7.34 -8.94 22.31
C GLN A 136 6.05 -8.29 21.83
N ILE A 137 4.92 -8.76 22.38
CA ILE A 137 3.63 -8.13 22.11
C ILE A 137 3.15 -7.72 23.47
N GLN A 138 3.04 -6.41 23.65
CA GLN A 138 2.62 -5.80 24.91
C GLN A 138 1.15 -5.54 24.80
N VAL A 139 0.41 -5.91 25.84
CA VAL A 139 -1.04 -5.70 25.87
C VAL A 139 -1.39 -4.86 27.09
N ASP A 140 -2.19 -3.79 26.93
CA ASP A 140 -2.64 -2.96 28.04
C ASP A 140 -4.16 -2.69 28.04
N TRP A 141 -4.80 -3.05 29.17
CA TRP A 141 -6.26 -3.02 29.34
C TRP A 141 -6.68 -2.03 30.43
N CYS A 142 -7.85 -1.42 30.21
CA CYS A 142 -8.68 -0.73 31.26
C CYS A 142 -8.05 0.50 31.88
N GLU A 143 -7.16 1.18 31.16
CA GLU A 143 -6.51 2.36 31.68
C GLU A 143 -6.56 3.47 30.65
N ALA A 144 -6.34 4.69 31.15
CA ALA A 144 -5.98 5.83 30.31
C ALA A 144 -7.04 6.17 29.27
N GLY A 145 -8.30 6.17 29.68
CA GLY A 145 -9.41 6.49 28.76
C GLY A 145 -10.17 5.27 28.24
N ALA A 146 -9.62 4.06 28.37
CA ALA A 146 -10.33 2.85 27.97
C ALA A 146 -11.54 2.66 28.88
N SER A 147 -12.59 2.04 28.33
CA SER A 147 -13.71 1.61 29.16
C SER A 147 -13.23 0.63 30.24
N THR A 148 -13.72 0.83 31.46
CA THR A 148 -13.47 -0.12 32.56
C THR A 148 -14.58 -1.17 32.73
N ASP A 149 -15.58 -1.21 31.84
CA ASP A 149 -16.70 -2.15 31.99
C ASP A 149 -16.33 -3.60 31.69
N GLY A 150 -16.46 -4.49 32.69
CA GLY A 150 -16.02 -5.90 32.62
C GLY A 150 -14.58 -6.14 33.10
N CYS A 151 -13.87 -5.08 33.47
CA CYS A 151 -12.48 -5.16 33.90
C CYS A 151 -12.34 -5.81 35.29
N SER A 152 -13.37 -5.68 36.15
CA SER A 152 -13.31 -6.31 37.49
C SER A 152 -13.52 -7.83 37.46
N ALA A 153 -14.23 -8.34 36.46
CA ALA A 153 -14.32 -9.80 36.21
C ALA A 153 -13.07 -10.45 35.51
N TRP A 154 -12.14 -9.63 35.03
CA TRP A 154 -10.95 -10.11 34.31
C TRP A 154 -10.00 -10.76 35.29
N LYS A 155 -9.71 -12.03 35.05
CA LYS A 155 -8.87 -12.88 35.92
C LYS A 155 -7.37 -12.58 35.83
N TRP A 156 -6.95 -11.92 34.77
CA TRP A 156 -5.56 -11.82 34.42
C TRP A 156 -5.08 -10.43 34.81
N PRO A 157 -3.76 -10.17 34.71
CA PRO A 157 -3.27 -8.79 34.85
C PRO A 157 -3.80 -7.82 33.78
N LYS A 158 -3.85 -6.53 34.09
CA LYS A 158 -4.27 -5.52 33.12
C LYS A 158 -3.19 -5.20 32.07
N SER A 159 -1.93 -5.53 32.37
CA SER A 159 -0.82 -5.30 31.46
C SER A 159 0.10 -6.51 31.46
N TYR A 160 0.50 -6.94 30.28
CA TYR A 160 1.33 -8.10 30.13
C TYR A 160 1.91 -8.18 28.74
N ASP A 161 2.95 -9.00 28.62
CA ASP A 161 3.71 -9.14 27.40
C ASP A 161 3.85 -10.62 26.99
N TYR A 162 3.45 -10.96 25.77
CA TYR A 162 3.86 -12.23 25.15
C TYR A 162 5.26 -12.08 24.56
N ASP A 163 6.16 -13.01 24.87
CA ASP A 163 7.56 -12.97 24.47
C ASP A 163 7.76 -13.99 23.36
N ILE A 164 8.17 -13.52 22.20
CA ILE A 164 8.37 -14.39 21.04
C ILE A 164 9.86 -14.67 20.78
N GLY A 165 10.27 -15.91 20.79
CA GLY A 165 11.69 -16.17 20.53
C GLY A 165 12.10 -17.61 20.62
N CYS A 166 13.24 -17.87 20.02
CA CYS A 166 13.91 -19.16 20.04
C CYS A 166 15.13 -19.14 20.98
N ASP A 167 15.35 -18.00 21.59
CA ASP A 167 16.34 -17.84 22.65
C ASP A 167 15.76 -18.10 24.05
N ASN A 168 16.59 -17.99 25.10
CA ASN A 168 16.19 -18.36 26.48
C ASN A 168 15.54 -19.74 26.54
N MET A 169 16.25 -20.71 26.00
CA MET A 169 15.84 -22.10 26.01
C MET A 169 16.94 -22.94 26.59
N GLN A 170 16.61 -23.72 27.63
CA GLN A 170 17.57 -24.61 28.31
C GLN A 170 16.98 -26.00 28.40
N ASP A 171 17.70 -27.01 27.90
CA ASP A 171 17.28 -28.43 27.97
C ASP A 171 15.84 -28.64 27.49
N GLY A 172 15.51 -28.11 26.30
CA GLY A 172 14.15 -28.21 25.75
C GLY A 172 13.01 -27.41 26.41
N VAL A 173 13.32 -26.53 27.35
CA VAL A 173 12.29 -25.70 28.03
C VAL A 173 12.58 -24.26 27.64
N SER A 174 11.58 -23.60 27.05
CA SER A 174 11.71 -22.23 26.70
C SER A 174 11.04 -21.34 27.73
N ARG A 175 11.69 -20.21 28.01
CA ARG A 175 11.13 -19.17 28.86
C ARG A 175 10.23 -18.17 28.12
N LYS A 176 10.08 -18.35 26.81
CA LYS A 176 9.24 -17.52 25.96
C LYS A 176 7.89 -18.24 25.74
N HIS A 177 6.93 -17.51 25.20
CA HIS A 177 5.60 -18.05 24.97
C HIS A 177 5.48 -18.81 23.63
N HIS A 178 6.21 -18.37 22.60
CA HIS A 178 6.10 -18.94 21.24
C HIS A 178 7.44 -18.76 20.53
N PRO A 179 7.75 -19.64 19.56
CA PRO A 179 8.93 -19.44 18.71
C PRO A 179 8.77 -18.28 17.73
N VAL A 180 9.88 -17.76 17.24
CA VAL A 180 9.89 -17.00 15.98
C VAL A 180 9.84 -17.94 14.81
N TYR A 181 9.56 -17.38 13.63
CA TYR A 181 9.35 -18.18 12.43
C TYR A 181 10.49 -18.04 11.45
N LYS A 182 10.70 -19.10 10.64
CA LYS A 182 11.65 -19.11 9.56
C LYS A 182 10.91 -19.37 8.21
N TRP A 183 11.59 -19.05 7.13
CA TRP A 183 11.07 -19.26 5.77
C TRP A 183 12.26 -19.26 4.83
N PRO A 184 12.07 -19.70 3.56
CA PRO A 184 13.22 -19.85 2.68
C PRO A 184 13.85 -18.50 2.37
N LYS A 185 15.19 -18.52 2.30
CA LYS A 185 16.00 -17.39 1.92
C LYS A 185 15.59 -16.89 0.51
N LYS A 186 15.38 -15.59 0.38
CA LYS A 186 14.82 -14.94 -0.83
C LYS A 186 13.42 -15.42 -1.22
N CYS A 187 12.73 -16.05 -0.27
CA CYS A 187 11.50 -16.74 -0.55
C CYS A 187 11.61 -17.71 -1.73
N SER A 188 12.77 -18.36 -1.84
CA SER A 188 13.01 -19.31 -2.91
C SER A 188 12.25 -20.62 -2.69
N SER A 189 12.19 -21.38 -3.77
CA SER A 189 11.52 -22.65 -3.82
C SER A 189 12.52 -23.81 -3.78
N ASN A 190 13.78 -23.51 -3.48
CA ASN A 190 14.82 -24.52 -3.51
C ASN A 190 14.69 -25.50 -2.35
N CYS A 191 14.26 -25.01 -1.20
CA CYS A 191 14.31 -25.79 0.03
C CYS A 191 13.42 -27.01 -0.02
N VAL B 15 -12.86 7.91 19.23
CA VAL B 15 -12.15 6.58 19.12
C VAL B 15 -12.98 5.70 18.20
N PRO B 16 -12.41 5.22 17.07
CA PRO B 16 -13.12 4.28 16.17
C PRO B 16 -13.68 3.00 16.84
N ARG B 17 -14.77 2.48 16.29
CA ARG B 17 -15.44 1.30 16.79
C ARG B 17 -14.77 0.01 16.35
N GLY B 18 -14.11 0.05 15.20
CA GLY B 18 -13.21 -0.99 14.77
C GLY B 18 -12.04 -0.34 14.04
N SER B 19 -11.44 -1.11 13.14
CA SER B 19 -10.27 -0.69 12.37
C SER B 19 -10.63 0.53 11.52
N HIS B 20 -9.73 1.51 11.52
CA HIS B 20 -9.91 2.77 10.83
C HIS B 20 -8.50 3.23 10.49
N MET B 21 -7.92 2.61 9.50
CA MET B 21 -6.49 2.76 9.27
C MET B 21 -6.29 4.03 8.49
N SER B 22 -5.07 4.54 8.55
CA SER B 22 -4.70 5.72 7.78
C SER B 22 -4.57 5.29 6.30
N SER B 23 -4.85 6.21 5.38
CA SER B 23 -4.52 6.01 3.96
C SER B 23 -3.06 6.42 3.69
N GLY B 24 -2.52 7.30 4.53
CA GLY B 24 -1.10 7.66 4.53
C GLY B 24 -0.86 9.14 4.71
N LYS B 25 0.42 9.54 4.65
CA LYS B 25 0.77 10.94 4.64
C LYS B 25 0.35 11.63 3.34
N THR B 26 -0.48 12.65 3.43
CA THR B 26 -0.86 13.46 2.27
C THR B 26 0.23 14.50 1.99
N CYS B 27 0.48 14.75 0.71
CA CYS B 27 1.51 15.67 0.26
C CYS B 27 0.99 17.10 0.41
N PRO B 28 1.88 18.08 0.76
CA PRO B 28 1.45 19.46 0.60
C PRO B 28 1.07 19.76 -0.86
N THR B 29 -0.13 20.28 -1.08
CA THR B 29 -0.72 20.45 -2.41
C THR B 29 0.10 21.36 -3.31
N SER B 30 0.64 22.43 -2.74
CA SER B 30 1.57 23.34 -3.41
C SER B 30 2.84 22.67 -3.94
N GLU B 31 3.20 21.51 -3.39
CA GLU B 31 4.36 20.74 -3.82
C GLU B 31 4.08 19.66 -4.88
N VAL B 32 2.83 19.57 -5.34
CA VAL B 32 2.47 18.74 -6.49
C VAL B 32 2.47 19.64 -7.72
N SER B 33 3.41 19.42 -8.63
CA SER B 33 3.50 20.24 -9.81
C SER B 33 4.09 19.45 -11.00
N PRO B 34 4.16 20.07 -12.20
CA PRO B 34 4.69 19.28 -13.34
C PRO B 34 6.17 18.89 -13.14
N ALA B 35 6.53 17.69 -13.60
CA ALA B 35 7.90 17.17 -13.51
C ALA B 35 8.80 17.71 -14.60
N CYS B 36 8.27 18.27 -15.69
CA CYS B 36 9.12 18.95 -16.69
C CYS B 36 8.37 20.11 -17.41
N TYR B 37 9.12 20.95 -18.13
CA TYR B 37 8.53 22.02 -18.97
C TYR B 37 9.08 22.01 -20.39
N ALA B 38 8.33 22.63 -21.30
CA ALA B 38 8.73 22.62 -22.69
C ALA B 38 8.25 23.88 -23.40
N ASN B 39 8.98 24.29 -24.41
CA ASN B 39 8.54 25.39 -25.29
C ASN B 39 7.33 25.05 -26.16
N GLN B 40 7.22 23.78 -26.53
CA GLN B 40 6.09 23.33 -27.33
C GLN B 40 5.75 21.92 -26.88
N TRP B 41 4.45 21.63 -26.88
CA TRP B 41 3.91 20.32 -26.60
C TRP B 41 3.07 19.97 -27.81
N GLU B 42 2.79 18.68 -27.97
CA GLU B 42 1.89 18.20 -28.98
C GLU B 42 0.50 18.85 -28.79
N THR B 43 -0.09 19.30 -29.90
CA THR B 43 -1.34 20.07 -29.90
C THR B 43 -2.44 19.40 -30.72
N THR B 44 -2.21 18.16 -31.15
CA THR B 44 -3.22 17.33 -31.79
C THR B 44 -4.38 17.05 -30.83
N PHE B 45 -5.56 16.83 -31.44
CA PHE B 45 -6.82 16.46 -30.75
C PHE B 45 -7.47 17.61 -29.97
N PRO B 46 -8.69 17.42 -29.44
CA PRO B 46 -9.23 18.60 -28.75
C PRO B 46 -8.34 19.10 -27.60
N PRO B 47 -8.37 20.43 -27.34
CA PRO B 47 -7.54 20.93 -26.25
C PRO B 47 -7.89 20.29 -24.91
N SER B 48 -6.89 20.10 -24.07
CA SER B 48 -7.12 19.45 -22.76
C SER B 48 -6.30 20.09 -21.67
N ASP B 49 -6.70 19.84 -20.42
CA ASP B 49 -5.94 20.25 -19.23
C ASP B 49 -5.93 19.04 -18.29
N ILE B 50 -4.77 18.38 -18.20
CA ILE B 50 -4.67 17.10 -17.50
C ILE B 50 -3.53 17.20 -16.51
N LYS B 51 -3.80 16.89 -15.25
CA LYS B 51 -2.83 17.15 -14.17
C LYS B 51 -3.16 16.32 -12.96
N ILE B 52 -2.22 16.28 -12.03
CA ILE B 52 -2.39 15.60 -10.74
C ILE B 52 -2.63 16.72 -9.74
N THR B 53 -3.61 16.55 -8.87
CA THR B 53 -3.98 17.58 -7.89
C THR B 53 -3.73 17.20 -6.42
N GLY B 54 -3.43 15.94 -6.15
CA GLY B 54 -3.06 15.54 -4.78
C GLY B 54 -2.36 14.19 -4.80
N ALA B 55 -1.59 13.94 -3.73
CA ALA B 55 -0.84 12.69 -3.61
C ALA B 55 -0.78 12.27 -2.17
N THR B 56 -0.78 10.97 -1.95
CA THR B 56 -0.70 10.37 -0.61
C THR B 56 0.30 9.21 -0.67
N TRP B 57 1.25 9.16 0.28
CA TRP B 57 2.22 8.07 0.33
C TRP B 57 1.60 6.82 0.95
N VAL B 58 1.66 5.71 0.23
CA VAL B 58 1.13 4.44 0.73
C VAL B 58 2.34 3.79 1.39
N GLN B 59 3.31 3.37 0.58
CA GLN B 59 4.49 2.69 1.10
C GLN B 59 5.51 2.55 0.01
N ASP B 60 6.79 2.46 0.38
CA ASP B 60 7.85 2.34 -0.62
C ASP B 60 7.64 3.37 -1.77
N ASN B 61 7.64 2.95 -3.05
CA ASN B 61 7.37 3.87 -4.17
C ASN B 61 5.91 3.91 -4.68
N ILE B 62 4.96 3.61 -3.79
CA ILE B 62 3.55 3.54 -4.15
C ILE B 62 2.76 4.71 -3.55
N TYR B 63 2.06 5.43 -4.40
CA TYR B 63 1.23 6.54 -3.94
C TYR B 63 -0.16 6.46 -4.55
N ASP B 64 -1.15 7.05 -3.87
CA ASP B 64 -2.45 7.29 -4.44
C ASP B 64 -2.55 8.77 -4.81
N VAL B 65 -2.99 9.04 -6.04
CA VAL B 65 -3.01 10.39 -6.61
C VAL B 65 -4.37 10.71 -7.19
N THR B 66 -4.69 12.00 -7.24
CA THR B 66 -5.89 12.48 -7.87
C THR B 66 -5.49 13.06 -9.25
N LEU B 67 -5.99 12.43 -10.31
CA LEU B 67 -5.85 12.93 -11.67
C LEU B 67 -7.06 13.81 -11.95
N SER B 68 -6.80 15.02 -12.43
CA SER B 68 -7.85 15.91 -12.89
C SER B 68 -7.86 16.02 -14.43
N TYR B 69 -9.05 15.91 -15.04
CA TYR B 69 -9.15 15.94 -16.51
C TYR B 69 -10.15 16.96 -16.90
N GLU B 70 -9.77 17.79 -17.87
CA GLU B 70 -10.70 18.65 -18.59
C GLU B 70 -10.33 18.61 -20.04
N ALA B 71 -11.33 18.57 -20.90
CA ALA B 71 -11.14 18.57 -22.36
C ALA B 71 -12.47 18.86 -23.09
N GLU B 72 -12.31 19.45 -24.27
CA GLU B 72 -13.39 19.67 -25.21
C GLU B 72 -13.87 18.30 -25.65
N SER B 73 -15.18 18.08 -25.54
CA SER B 73 -15.74 16.76 -25.59
C SER B 73 -17.07 16.77 -26.32
N LEU B 74 -17.56 15.60 -26.71
CA LEU B 74 -18.98 15.45 -27.02
C LEU B 74 -19.72 15.14 -25.70
N GLU B 75 -20.97 14.74 -25.76
CA GLU B 75 -21.76 14.57 -24.55
C GLU B 75 -21.58 13.16 -24.00
N LEU B 76 -21.96 12.95 -22.75
CA LEU B 76 -21.81 11.63 -22.10
C LEU B 76 -22.41 10.51 -22.89
N GLU B 77 -23.57 10.75 -23.49
CA GLU B 77 -24.26 9.70 -24.26
C GLU B 77 -23.50 9.28 -25.54
N ASN B 78 -22.56 10.12 -26.02
CA ASN B 78 -21.74 9.84 -27.21
C ASN B 78 -20.51 8.99 -26.89
N LEU B 79 -20.20 8.85 -25.61
CA LEU B 79 -18.95 8.24 -25.15
C LEU B 79 -19.06 6.73 -25.10
N THR B 80 -18.17 6.08 -25.83
CA THR B 80 -18.09 4.62 -25.86
C THR B 80 -17.16 4.11 -24.76
N GLU B 81 -15.95 4.69 -24.72
CA GLU B 81 -14.96 4.35 -23.70
C GLU B 81 -13.94 5.46 -23.42
N LEU B 82 -13.56 5.55 -22.13
CA LEU B 82 -12.58 6.51 -21.63
C LEU B 82 -11.78 5.85 -20.51
N LYS B 83 -10.47 5.74 -20.71
CA LYS B 83 -9.63 4.96 -19.82
C LYS B 83 -8.23 5.44 -19.81
N ILE B 84 -7.59 5.24 -18.67
CA ILE B 84 -6.14 5.44 -18.54
C ILE B 84 -5.52 4.10 -18.96
N ILE B 85 -4.45 4.14 -19.76
CA ILE B 85 -3.73 2.96 -20.21
C ILE B 85 -2.23 3.20 -20.11
N GLY B 86 -1.47 2.11 -20.14
CA GLY B 86 -0.01 2.17 -19.99
C GLY B 86 0.45 2.62 -18.61
N LEU B 87 -0.45 2.52 -17.62
CA LEU B 87 -0.16 2.99 -16.25
C LEU B 87 0.86 2.05 -15.59
N ASN B 88 1.93 2.59 -15.02
CA ASN B 88 2.85 1.79 -14.21
C ASN B 88 2.32 1.82 -12.78
N SER B 89 1.66 0.71 -12.39
CA SER B 89 0.86 0.64 -11.15
C SER B 89 0.82 -0.79 -10.56
N PRO B 90 0.76 -0.93 -9.22
CA PRO B 90 0.63 -2.27 -8.64
C PRO B 90 -0.75 -2.90 -8.84
N THR B 91 -1.77 -2.10 -9.14
CA THR B 91 -3.14 -2.61 -9.26
C THR B 91 -3.66 -2.64 -10.72
N GLY B 92 -2.75 -2.55 -11.70
CA GLY B 92 -3.11 -2.74 -13.10
C GLY B 92 -2.73 -1.59 -14.03
N GLY B 93 -2.48 -1.95 -15.28
CA GLY B 93 -2.08 -1.01 -16.30
C GLY B 93 -3.20 -0.19 -16.88
N THR B 94 -4.45 -0.54 -16.57
CA THR B 94 -5.62 0.16 -17.07
C THR B 94 -6.54 0.57 -15.94
N LYS B 95 -7.01 1.82 -16.01
CA LYS B 95 -8.13 2.29 -15.17
C LYS B 95 -9.24 2.83 -16.07
N LEU B 96 -10.40 2.21 -16.00
CA LEU B 96 -11.58 2.62 -16.79
C LEU B 96 -12.32 3.70 -16.04
N VAL B 97 -12.68 4.76 -16.73
CA VAL B 97 -13.55 5.77 -16.12
C VAL B 97 -14.97 5.66 -16.69
N TRP B 98 -15.07 5.35 -17.98
CA TRP B 98 -16.37 5.06 -18.61
C TRP B 98 -16.17 3.97 -19.64
N SER B 99 -17.00 2.93 -19.55
CA SER B 99 -16.96 1.87 -20.52
C SER B 99 -18.28 1.22 -20.68
N LEU B 100 -18.88 1.41 -21.86
CA LEU B 100 -20.12 0.73 -22.22
C LEU B 100 -19.90 -0.79 -22.23
N ASN B 101 -18.79 -1.20 -22.82
CA ASN B 101 -18.51 -2.62 -23.01
C ASN B 101 -18.22 -3.34 -21.69
N SER B 102 -17.51 -2.69 -20.76
CA SER B 102 -17.14 -3.29 -19.47
C SER B 102 -18.01 -2.87 -18.32
N LYS B 103 -19.03 -2.07 -18.62
CA LYS B 103 -20.04 -1.63 -17.67
C LYS B 103 -19.43 -0.86 -16.48
N VAL B 104 -18.61 0.14 -16.80
CA VAL B 104 -18.05 1.01 -15.78
C VAL B 104 -18.55 2.40 -16.06
N TYR B 105 -19.21 2.98 -15.07
CA TYR B 105 -19.88 4.27 -15.22
C TYR B 105 -19.52 5.19 -14.05
N ASP B 106 -18.31 5.76 -14.09
CA ASP B 106 -17.76 6.47 -12.91
C ASP B 106 -17.66 8.00 -13.02
N ILE B 107 -18.12 8.58 -14.13
CA ILE B 107 -18.15 10.06 -14.29
C ILE B 107 -19.54 10.57 -14.71
N ASP B 108 -19.80 11.87 -14.51
CA ASP B 108 -21.05 12.54 -14.93
C ASP B 108 -20.85 13.28 -16.24
N ASN B 109 -19.67 13.85 -16.45
CA ASN B 109 -19.40 14.69 -17.58
C ASN B 109 -18.05 14.32 -18.13
N PRO B 110 -17.97 13.93 -19.41
CA PRO B 110 -16.66 13.58 -19.98
C PRO B 110 -15.71 14.77 -20.11
N ALA B 111 -16.26 15.98 -20.22
CA ALA B 111 -15.46 17.19 -20.30
C ALA B 111 -14.73 17.55 -19.01
N LYS B 112 -15.16 17.05 -17.85
CA LYS B 112 -14.50 17.42 -16.58
C LYS B 112 -14.76 16.40 -15.47
N TRP B 113 -13.71 15.76 -14.99
CA TRP B 113 -13.82 14.73 -13.97
C TRP B 113 -12.48 14.54 -13.33
N THR B 114 -12.51 13.94 -12.14
CA THR B 114 -11.32 13.46 -11.46
C THR B 114 -11.46 11.96 -11.24
N THR B 115 -10.33 11.34 -10.97
CA THR B 115 -10.26 9.92 -10.62
C THR B 115 -9.06 9.68 -9.70
N THR B 116 -9.12 8.62 -8.90
CA THR B 116 -8.00 8.16 -8.10
C THR B 116 -7.24 7.12 -8.92
N LEU B 117 -5.92 7.20 -8.84
CA LEU B 117 -5.03 6.24 -9.43
C LEU B 117 -4.02 5.82 -8.34
N ARG B 118 -3.65 4.55 -8.31
CA ARG B 118 -2.57 4.06 -7.47
C ARG B 118 -1.38 3.77 -8.39
N VAL B 119 -0.24 4.40 -8.10
CA VAL B 119 0.86 4.48 -9.05
C VAL B 119 2.19 4.20 -8.45
N TYR B 120 3.07 3.57 -9.22
CA TYR B 120 4.51 3.49 -8.92
C TYR B 120 5.26 4.80 -9.31
N THR B 121 6.30 5.12 -8.54
CA THR B 121 7.11 6.29 -8.81
C THR B 121 8.56 5.95 -8.94
N LYS B 122 9.31 6.93 -9.44
CA LYS B 122 10.75 6.89 -9.46
C LYS B 122 11.25 8.23 -8.95
N SER B 123 12.54 8.28 -8.60
CA SER B 123 13.16 9.50 -8.10
C SER B 123 13.19 10.51 -9.25
N SER B 124 12.81 11.76 -8.98
CA SER B 124 12.88 12.84 -9.97
C SER B 124 14.29 13.42 -10.00
N ALA B 125 14.57 14.25 -11.01
CA ALA B 125 15.89 14.90 -11.16
C ALA B 125 16.32 15.58 -9.86
N ASP B 126 15.39 16.27 -9.22
CA ASP B 126 15.55 16.75 -7.85
C ASP B 126 15.06 15.64 -6.92
N ASP B 127 15.98 14.94 -6.25
CA ASP B 127 15.59 13.76 -5.43
C ASP B 127 14.85 14.03 -4.10
N CYS B 128 14.55 15.29 -3.77
CA CYS B 128 13.50 15.59 -2.81
C CYS B 128 12.12 15.10 -3.31
N TYR B 129 11.96 15.00 -4.63
CA TYR B 129 10.75 14.60 -5.29
C TYR B 129 10.82 13.23 -5.93
N VAL B 130 9.64 12.64 -6.11
CA VAL B 130 9.44 11.47 -6.94
C VAL B 130 8.40 11.84 -8.00
N GLU B 131 8.33 11.04 -9.04
CA GLU B 131 7.35 11.26 -10.13
C GLU B 131 6.79 9.93 -10.64
N MET B 132 5.56 9.98 -11.14
CA MET B 132 4.96 8.82 -11.81
C MET B 132 5.47 8.66 -13.24
N TYR B 133 5.14 7.53 -13.83
CA TYR B 133 5.63 7.14 -15.14
C TYR B 133 4.68 7.63 -16.20
N PRO B 134 5.14 7.74 -17.45
CA PRO B 134 4.20 8.08 -18.54
C PRO B 134 2.98 7.15 -18.69
N PHE B 135 1.90 7.72 -19.20
CA PHE B 135 0.66 6.97 -19.45
C PHE B 135 -0.16 7.69 -20.52
N GLN B 136 -1.26 7.08 -20.93
CA GLN B 136 -2.12 7.66 -21.94
C GLN B 136 -3.58 7.63 -21.48
N ILE B 137 -4.33 8.55 -22.04
CA ILE B 137 -5.78 8.55 -21.82
C ILE B 137 -6.36 8.37 -23.22
N GLN B 138 -7.05 7.25 -23.41
CA GLN B 138 -7.67 6.88 -24.66
C GLN B 138 -9.11 7.30 -24.59
N VAL B 139 -9.60 7.95 -25.66
CA VAL B 139 -11.00 8.45 -25.71
C VAL B 139 -11.69 7.87 -26.94
N ASP B 140 -12.87 7.26 -26.77
CA ASP B 140 -13.63 6.68 -27.91
C ASP B 140 -15.07 7.16 -27.96
N TRP B 141 -15.44 7.78 -29.09
CA TRP B 141 -16.77 8.39 -29.31
C TRP B 141 -17.60 7.68 -30.41
N CYS B 142 -18.92 7.63 -30.22
CA CYS B 142 -19.93 7.39 -31.26
C CYS B 142 -19.95 6.00 -31.87
N GLU B 143 -19.49 5.01 -31.12
CA GLU B 143 -19.41 3.65 -31.62
C GLU B 143 -19.96 2.72 -30.58
N ALA B 144 -20.31 1.53 -31.06
CA ALA B 144 -20.55 0.38 -30.19
C ALA B 144 -21.68 0.58 -29.19
N GLY B 145 -22.79 1.16 -29.63
CA GLY B 145 -23.95 1.40 -28.74
C GLY B 145 -24.07 2.83 -28.23
N ALA B 146 -23.01 3.64 -28.36
CA ALA B 146 -23.10 5.07 -28.01
C ALA B 146 -24.06 5.78 -28.96
N SER B 147 -24.70 6.83 -28.45
CA SER B 147 -25.50 7.71 -29.31
C SER B 147 -24.61 8.34 -30.39
N THR B 148 -25.10 8.35 -31.63
CA THR B 148 -24.42 9.06 -32.71
C THR B 148 -24.91 10.50 -32.91
N ASP B 149 -25.79 11.00 -32.05
CA ASP B 149 -26.36 12.34 -32.25
C ASP B 149 -25.36 13.45 -31.96
N GLY B 150 -25.05 14.26 -32.97
CA GLY B 150 -24.04 15.32 -32.91
C GLY B 150 -22.64 14.88 -33.37
N CYS B 151 -22.50 13.61 -33.70
CA CYS B 151 -21.21 13.04 -34.05
C CYS B 151 -20.74 13.50 -35.42
N SER B 152 -21.65 13.79 -36.35
CA SER B 152 -21.23 14.26 -37.68
C SER B 152 -20.73 15.71 -37.69
N ALA B 153 -21.17 16.52 -36.73
CA ALA B 153 -20.63 17.88 -36.53
C ALA B 153 -19.30 17.95 -35.73
N TRP B 154 -18.84 16.81 -35.21
CA TRP B 154 -17.60 16.71 -34.42
C TRP B 154 -16.43 16.85 -35.37
N LYS B 155 -15.62 17.86 -35.13
CA LYS B 155 -14.48 18.21 -35.99
C LYS B 155 -13.29 17.28 -35.86
N TRP B 156 -13.24 16.53 -34.76
CA TRP B 156 -12.06 15.78 -34.38
C TRP B 156 -12.26 14.31 -34.71
N PRO B 157 -11.18 13.49 -34.59
CA PRO B 157 -11.36 12.04 -34.74
C PRO B 157 -12.29 11.43 -33.68
N LYS B 158 -12.90 10.30 -34.01
CA LYS B 158 -13.79 9.62 -33.05
C LYS B 158 -13.01 8.87 -31.97
N SER B 159 -11.73 8.59 -32.23
CA SER B 159 -10.88 7.89 -31.30
C SER B 159 -9.49 8.52 -31.28
N TYR B 160 -8.98 8.78 -30.08
CA TYR B 160 -7.72 9.45 -29.93
C TYR B 160 -7.19 9.27 -28.50
N ASP B 161 -5.89 9.50 -28.35
CA ASP B 161 -5.15 9.31 -27.12
C ASP B 161 -4.39 10.57 -26.73
N TYR B 162 -4.60 11.08 -25.52
CA TYR B 162 -3.68 12.04 -24.92
C TYR B 162 -2.49 11.28 -24.32
N ASP B 163 -1.27 11.71 -24.63
CA ASP B 163 -0.04 11.10 -24.18
C ASP B 163 0.63 11.94 -23.09
N ILE B 164 0.77 11.35 -21.91
CA ILE B 164 1.25 12.09 -20.74
C ILE B 164 2.69 11.68 -20.47
N GLY B 165 3.61 12.63 -20.48
CA GLY B 165 4.99 12.26 -20.19
C GLY B 165 5.99 13.37 -20.26
N CYS B 166 7.14 13.10 -19.67
CA CYS B 166 8.31 13.97 -19.70
C CYS B 166 9.43 13.37 -20.56
N ASP B 167 9.14 12.22 -21.15
CA ASP B 167 9.96 11.62 -22.17
C ASP B 167 9.56 12.07 -23.60
N ASN B 168 10.26 11.57 -24.62
CA ASN B 168 10.10 12.05 -26.01
C ASN B 168 10.16 13.58 -26.12
N MET B 169 11.21 14.16 -25.55
CA MET B 169 11.48 15.59 -25.61
C MET B 169 12.89 15.83 -26.15
N GLN B 170 13.00 16.68 -27.18
CA GLN B 170 14.31 17.11 -27.75
C GLN B 170 14.38 18.62 -27.87
N ASP B 171 15.45 19.24 -27.36
CA ASP B 171 15.67 20.71 -27.46
C ASP B 171 14.43 21.52 -27.05
N GLY B 172 13.83 21.20 -25.91
CA GLY B 172 12.64 21.88 -25.44
C GLY B 172 11.31 21.64 -26.17
N VAL B 173 11.25 20.67 -27.09
CA VAL B 173 10.00 20.34 -27.79
C VAL B 173 9.61 18.92 -27.34
N SER B 174 8.38 18.80 -26.85
CA SER B 174 7.84 17.51 -26.48
C SER B 174 6.86 17.00 -27.53
N ARG B 175 6.94 15.69 -27.75
CA ARG B 175 5.97 14.98 -28.58
C ARG B 175 4.71 14.50 -27.82
N LYS B 176 4.66 14.76 -26.50
CA LYS B 176 3.50 14.40 -25.69
C LYS B 176 2.58 15.62 -25.52
N HIS B 177 1.38 15.40 -25.00
CA HIS B 177 0.43 16.49 -24.76
C HIS B 177 0.63 17.25 -23.45
N HIS B 178 1.05 16.55 -22.40
CA HIS B 178 1.20 17.16 -21.08
C HIS B 178 2.33 16.44 -20.35
N PRO B 179 2.97 17.11 -19.36
CA PRO B 179 3.93 16.42 -18.49
C PRO B 179 3.26 15.46 -17.49
N VAL B 180 4.02 14.49 -16.98
CA VAL B 180 3.67 13.85 -15.71
C VAL B 180 4.03 14.76 -14.55
N TYR B 181 3.49 14.42 -13.38
CA TYR B 181 3.61 15.24 -12.20
C TYR B 181 4.53 14.63 -11.17
N LYS B 182 5.17 15.50 -10.37
CA LYS B 182 6.06 15.11 -9.28
C LYS B 182 5.52 15.69 -7.96
N TRP B 183 6.01 15.14 -6.85
CA TRP B 183 5.59 15.55 -5.53
C TRP B 183 6.65 15.04 -4.56
N PRO B 184 6.65 15.58 -3.32
CA PRO B 184 7.75 15.24 -2.40
C PRO B 184 7.76 13.77 -2.04
N LYS B 185 8.96 13.21 -1.96
CA LYS B 185 9.21 11.84 -1.58
C LYS B 185 8.62 11.59 -0.20
N LYS B 186 7.88 10.49 -0.07
CA LYS B 186 7.12 10.15 1.15
C LYS B 186 6.06 11.18 1.53
N CYS B 187 5.71 12.04 0.59
CA CYS B 187 4.87 13.17 0.84
C CYS B 187 5.37 14.02 2.00
N SER B 188 6.70 14.16 2.08
CA SER B 188 7.33 14.91 3.16
C SER B 188 7.19 16.41 2.93
N SER B 189 7.43 17.15 4.01
CA SER B 189 7.37 18.61 3.97
C SER B 189 8.77 19.22 4.00
N ASN B 190 9.78 18.42 3.69
CA ASN B 190 11.19 18.87 3.73
C ASN B 190 11.54 19.85 2.61
N CYS B 191 11.11 19.57 1.37
CA CYS B 191 11.44 20.42 0.21
C CYS B 191 11.06 21.88 0.43
#